data_2N6U
#
_entry.id   2N6U
#
_entity_poly.entity_id   1
_entity_poly.type   'polypeptide(L)'
_entity_poly.pdbx_seq_one_letter_code
;GLTQIQALDSVSGQFRDQLG
;
_entity_poly.pdbx_strand_id   A
#
# COMPACT_ATOMS: atom_id res chain seq x y z
N GLY A 1 1.24 -1.49 1.19
CA GLY A 1 0.85 -0.92 2.46
C GLY A 1 -0.54 -1.31 2.93
N LEU A 2 -0.97 -0.75 4.06
CA LEU A 2 -2.23 -1.05 4.73
C LEU A 2 -3.50 -0.48 4.10
N THR A 3 -3.43 0.33 3.04
CA THR A 3 -4.59 0.79 2.32
C THR A 3 -5.25 -0.28 1.48
N GLN A 4 -6.25 0.09 0.68
CA GLN A 4 -6.82 -0.67 -0.40
C GLN A 4 -6.91 0.14 -1.68
N ILE A 5 -5.95 1.02 -1.93
CA ILE A 5 -5.78 1.76 -3.17
C ILE A 5 -4.57 1.19 -3.87
N GLN A 6 -4.71 0.67 -5.09
CA GLN A 6 -3.64 -0.09 -5.72
C GLN A 6 -2.42 0.77 -6.01
N ALA A 7 -1.28 0.30 -5.49
CA ALA A 7 0.06 0.79 -5.70
C ALA A 7 1.06 -0.27 -5.26
N LEU A 8 2.36 -0.08 -5.51
CA LEU A 8 3.40 -0.96 -5.00
C LEU A 8 3.67 -0.67 -3.54
N ASP A 9 3.26 -1.58 -2.64
CA ASP A 9 3.43 -1.43 -1.22
C ASP A 9 4.88 -1.38 -0.78
N SER A 10 5.22 -0.71 0.33
CA SER A 10 6.54 -0.76 0.93
C SER A 10 6.90 -2.17 1.39
N VAL A 11 5.93 -2.87 1.98
CA VAL A 11 6.02 -4.10 2.74
C VAL A 11 5.39 -5.27 2.00
N SER A 12 4.07 -5.22 1.81
CA SER A 12 3.27 -6.34 1.37
C SER A 12 1.95 -5.93 0.73
N GLY A 13 1.41 -6.79 -0.13
CA GLY A 13 0.15 -6.60 -0.82
C GLY A 13 0.27 -5.72 -2.05
N GLN A 14 -0.87 -5.59 -2.75
CA GLN A 14 -1.02 -4.83 -3.99
C GLN A 14 -1.41 -3.37 -3.83
N PHE A 15 -1.32 -2.78 -2.64
CA PHE A 15 -1.85 -1.46 -2.33
C PHE A 15 -0.84 -0.49 -1.75
N ARG A 16 -1.20 0.78 -1.64
CA ARG A 16 -0.38 1.87 -1.13
C ARG A 16 -0.15 1.81 0.37
N ASP A 17 0.96 2.41 0.78
CA ASP A 17 1.23 2.90 2.12
C ASP A 17 0.16 3.86 2.61
N GLN A 18 -0.17 3.75 3.89
CA GLN A 18 -1.18 4.56 4.56
C GLN A 18 -0.75 6.00 4.72
N LEU A 19 0.55 6.24 4.88
CA LEU A 19 1.24 7.50 4.73
C LEU A 19 1.17 8.00 3.29
N GLY A 20 1.75 7.26 2.36
CA GLY A 20 1.83 7.57 0.95
C GLY A 20 2.97 6.87 0.21
N GLY A 1 1.24 -1.82 1.35
CA GLY A 1 0.82 -1.10 2.53
C GLY A 1 -0.64 -1.26 2.95
N LEU A 2 -1.05 -0.50 3.97
CA LEU A 2 -2.28 -0.58 4.72
C LEU A 2 -3.53 -0.14 3.98
N THR A 3 -3.45 0.69 2.93
CA THR A 3 -4.60 1.20 2.22
C THR A 3 -5.27 0.12 1.37
N GLN A 4 -6.28 0.49 0.58
CA GLN A 4 -7.07 -0.33 -0.30
C GLN A 4 -7.01 0.15 -1.75
N ILE A 5 -6.08 1.03 -2.08
CA ILE A 5 -5.88 1.63 -3.39
C ILE A 5 -4.64 1.04 -4.06
N GLN A 6 -4.79 0.52 -5.27
CA GLN A 6 -3.75 -0.21 -5.98
C GLN A 6 -2.48 0.60 -6.19
N ALA A 7 -1.41 0.22 -5.51
CA ALA A 7 -0.06 0.76 -5.64
C ALA A 7 1.01 -0.22 -5.20
N LEU A 8 2.28 0.20 -5.12
CA LEU A 8 3.40 -0.58 -4.62
C LEU A 8 3.65 -0.39 -3.14
N ASP A 9 3.33 -1.43 -2.36
CA ASP A 9 3.51 -1.51 -0.92
C ASP A 9 4.98 -1.57 -0.53
N SER A 10 5.37 -0.85 0.52
CA SER A 10 6.67 -0.92 1.18
C SER A 10 7.11 -2.32 1.58
N VAL A 11 6.17 -3.21 1.91
CA VAL A 11 6.45 -4.60 2.18
C VAL A 11 5.64 -5.48 1.24
N SER A 12 4.36 -5.70 1.56
CA SER A 12 3.58 -6.81 1.08
C SER A 12 2.20 -6.42 0.58
N GLY A 13 1.61 -7.23 -0.32
CA GLY A 13 0.33 -6.94 -0.90
C GLY A 13 0.46 -6.11 -2.18
N GLN A 14 -0.64 -5.48 -2.61
CA GLN A 14 -0.72 -4.65 -3.79
C GLN A 14 -1.48 -3.35 -3.57
N PHE A 15 -1.54 -2.82 -2.34
CA PHE A 15 -2.07 -1.50 -2.09
C PHE A 15 -1.01 -0.55 -1.54
N ARG A 16 -1.33 0.74 -1.57
CA ARG A 16 -0.48 1.83 -1.15
C ARG A 16 -0.24 1.86 0.35
N ASP A 17 0.85 2.52 0.74
CA ASP A 17 1.10 2.84 2.13
C ASP A 17 0.22 3.96 2.68
N GLN A 18 -0.18 3.82 3.96
CA GLN A 18 -1.21 4.64 4.57
C GLN A 18 -0.90 6.13 4.64
N LEU A 19 0.40 6.45 4.63
CA LEU A 19 0.96 7.78 4.66
C LEU A 19 1.92 8.01 3.50
N GLY A 20 1.76 7.27 2.40
CA GLY A 20 2.63 7.36 1.24
C GLY A 20 1.85 7.32 -0.07
N GLY A 1 1.26 -1.51 1.16
CA GLY A 1 0.90 -0.90 2.42
C GLY A 1 -0.54 -1.11 2.87
N LEU A 2 -0.90 -0.43 3.96
CA LEU A 2 -2.09 -0.70 4.76
C LEU A 2 -3.28 0.14 4.32
N THR A 3 -3.57 0.14 3.03
CA THR A 3 -4.69 0.76 2.32
C THR A 3 -5.35 -0.25 1.39
N GLN A 4 -6.37 0.18 0.66
CA GLN A 4 -7.09 -0.55 -0.35
C GLN A 4 -7.10 0.16 -1.70
N ILE A 5 -6.05 0.90 -2.04
CA ILE A 5 -5.81 1.57 -3.30
C ILE A 5 -4.54 1.08 -3.97
N GLN A 6 -4.63 0.54 -5.19
CA GLN A 6 -3.60 -0.15 -5.92
C GLN A 6 -2.38 0.73 -6.15
N ALA A 7 -1.27 0.36 -5.49
CA ALA A 7 0.06 0.85 -5.75
C ALA A 7 1.11 -0.15 -5.33
N LEU A 8 2.42 0.13 -5.53
CA LEU A 8 3.48 -0.66 -4.93
C LEU A 8 3.53 -0.33 -3.44
N ASP A 9 3.46 -1.37 -2.61
CA ASP A 9 3.51 -1.28 -1.16
C ASP A 9 4.95 -1.31 -0.65
N SER A 10 5.24 -0.64 0.47
CA SER A 10 6.51 -0.74 1.15
C SER A 10 6.92 -2.19 1.44
N VAL A 11 5.99 -3.03 1.87
CA VAL A 11 6.19 -4.38 2.36
C VAL A 11 5.43 -5.38 1.50
N SER A 12 4.10 -5.48 1.68
CA SER A 12 3.30 -6.61 1.28
C SER A 12 1.90 -6.21 0.83
N GLY A 13 1.27 -7.13 0.10
CA GLY A 13 0.05 -6.87 -0.63
C GLY A 13 0.28 -5.93 -1.80
N GLN A 14 -0.84 -5.53 -2.42
CA GLN A 14 -0.89 -4.81 -3.67
C GLN A 14 -1.36 -3.37 -3.56
N PHE A 15 -1.40 -2.78 -2.36
CA PHE A 15 -1.95 -1.46 -2.15
C PHE A 15 -0.92 -0.44 -1.68
N ARG A 16 -1.23 0.85 -1.69
CA ARG A 16 -0.36 1.95 -1.33
C ARG A 16 -0.16 2.02 0.17
N ASP A 17 0.84 2.80 0.58
CA ASP A 17 1.13 3.09 1.97
C ASP A 17 0.12 4.04 2.60
N GLN A 18 -0.15 3.84 3.90
CA GLN A 18 -1.25 4.48 4.60
C GLN A 18 -0.97 5.90 5.05
N LEU A 19 0.24 6.17 5.55
CA LEU A 19 0.77 7.43 6.07
C LEU A 19 0.05 8.01 7.28
N GLY A 20 -0.93 7.26 7.80
CA GLY A 20 -1.77 7.65 8.92
C GLY A 20 -1.25 7.35 10.31
N GLY A 1 1.22 -1.65 0.99
CA GLY A 1 0.91 -0.98 2.25
C GLY A 1 -0.42 -1.38 2.87
N LEU A 2 -0.78 -0.75 4.00
CA LEU A 2 -1.95 -1.07 4.80
C LEU A 2 -3.28 -0.69 4.17
N THR A 3 -3.27 0.45 3.47
CA THR A 3 -4.38 0.99 2.69
C THR A 3 -4.86 0.09 1.56
N GLN A 4 -5.91 0.47 0.83
CA GLN A 4 -6.76 -0.45 0.11
C GLN A 4 -6.87 -0.12 -1.37
N ILE A 5 -6.00 0.76 -1.89
CA ILE A 5 -5.98 1.29 -3.24
C ILE A 5 -4.63 1.06 -3.91
N GLN A 6 -4.61 0.70 -5.19
CA GLN A 6 -3.52 0.03 -5.88
C GLN A 6 -2.25 0.85 -5.99
N ALA A 7 -1.14 0.34 -5.46
CA ALA A 7 0.21 0.81 -5.75
C ALA A 7 1.26 -0.25 -5.42
N LEU A 8 2.55 0.04 -5.60
CA LEU A 8 3.64 -0.73 -5.05
C LEU A 8 3.73 -0.54 -3.54
N ASP A 9 3.39 -1.56 -2.75
CA ASP A 9 3.44 -1.51 -1.30
C ASP A 9 4.85 -1.69 -0.78
N SER A 10 5.23 -0.96 0.28
CA SER A 10 6.51 -1.04 0.96
C SER A 10 6.85 -2.42 1.51
N VAL A 11 5.84 -3.24 1.81
CA VAL A 11 5.98 -4.50 2.52
C VAL A 11 5.24 -5.64 1.84
N SER A 12 3.90 -5.57 1.82
CA SER A 12 3.07 -6.69 1.44
C SER A 12 1.74 -6.27 0.84
N GLY A 13 1.12 -7.15 0.03
CA GLY A 13 -0.01 -6.79 -0.79
C GLY A 13 0.35 -5.95 -1.99
N GLN A 14 -0.62 -5.28 -2.65
CA GLN A 14 -0.51 -4.50 -3.87
C GLN A 14 -1.28 -3.20 -3.77
N PHE A 15 -1.43 -2.65 -2.55
CA PHE A 15 -2.03 -1.36 -2.32
C PHE A 15 -0.98 -0.40 -1.79
N ARG A 16 -1.25 0.92 -1.84
CA ARG A 16 -0.31 1.91 -1.39
C ARG A 16 -0.17 1.93 0.13
N ASP A 17 0.79 2.71 0.62
CA ASP A 17 1.02 3.01 2.02
C ASP A 17 0.18 4.16 2.55
N GLN A 18 -0.32 3.96 3.78
CA GLN A 18 -1.37 4.70 4.43
C GLN A 18 -1.04 6.18 4.59
N LEU A 19 0.24 6.51 4.72
CA LEU A 19 0.74 7.86 4.85
C LEU A 19 0.54 8.70 3.59
N GLY A 20 0.27 8.09 2.43
CA GLY A 20 0.02 8.77 1.18
C GLY A 20 1.31 9.08 0.44
N GLY A 1 1.10 -1.40 1.06
CA GLY A 1 0.54 -0.70 2.20
C GLY A 1 -0.46 -1.51 3.02
N LEU A 2 -0.84 -0.95 4.17
CA LEU A 2 -2.00 -1.39 4.93
C LEU A 2 -3.30 -1.03 4.20
N THR A 3 -3.33 0.10 3.50
CA THR A 3 -4.33 0.64 2.60
C THR A 3 -4.79 -0.32 1.51
N GLN A 4 -5.81 0.13 0.76
CA GLN A 4 -6.59 -0.64 -0.18
C GLN A 4 -6.57 -0.07 -1.60
N ILE A 5 -5.83 1.01 -1.85
CA ILE A 5 -5.86 1.81 -3.05
C ILE A 5 -4.71 1.47 -3.98
N GLN A 6 -4.82 1.60 -5.31
CA GLN A 6 -3.98 0.83 -6.21
C GLN A 6 -2.64 1.48 -6.51
N ALA A 7 -1.61 1.05 -5.79
CA ALA A 7 -0.20 1.20 -6.10
C ALA A 7 0.55 -0.03 -5.62
N LEU A 8 1.89 -0.03 -5.49
CA LEU A 8 2.63 -1.06 -4.81
C LEU A 8 3.07 -0.65 -3.41
N ASP A 9 3.34 -1.58 -2.50
CA ASP A 9 3.52 -1.38 -1.08
C ASP A 9 4.97 -1.41 -0.62
N SER A 10 5.33 -0.72 0.46
CA SER A 10 6.61 -0.85 1.14
C SER A 10 6.86 -2.24 1.69
N VAL A 11 5.85 -2.83 2.33
CA VAL A 11 5.99 -4.05 3.12
C VAL A 11 5.31 -5.22 2.45
N SER A 12 3.98 -5.21 2.30
CA SER A 12 3.21 -6.39 1.94
C SER A 12 1.92 -6.00 1.22
N GLY A 13 1.42 -6.95 0.44
CA GLY A 13 0.30 -6.73 -0.46
C GLY A 13 0.69 -5.90 -1.67
N GLN A 14 -0.36 -5.58 -2.43
CA GLN A 14 -0.36 -4.94 -3.73
C GLN A 14 -1.24 -3.70 -3.77
N PHE A 15 -1.25 -2.90 -2.70
CA PHE A 15 -1.81 -1.57 -2.63
C PHE A 15 -0.79 -0.51 -2.21
N ARG A 16 -1.09 0.78 -2.41
CA ARG A 16 -0.31 1.91 -1.96
C ARG A 16 -0.17 1.90 -0.44
N ASP A 17 0.91 2.50 0.07
CA ASP A 17 1.15 2.75 1.47
C ASP A 17 0.23 3.80 2.06
N GLN A 18 -0.02 3.57 3.35
CA GLN A 18 -1.04 4.31 4.09
C GLN A 18 -0.63 5.74 4.40
N LEU A 19 0.61 5.94 4.86
CA LEU A 19 1.21 7.22 5.21
C LEU A 19 0.93 8.31 4.19
N GLY A 20 0.07 9.26 4.55
CA GLY A 20 -0.49 10.33 3.75
C GLY A 20 -1.57 11.10 4.49
N GLY A 1 0.82 -1.44 1.12
CA GLY A 1 0.35 -0.72 2.30
C GLY A 1 -0.63 -1.54 3.12
N LEU A 2 -1.17 -0.92 4.17
CA LEU A 2 -2.30 -1.36 4.95
C LEU A 2 -3.61 -0.89 4.33
N THR A 3 -3.51 0.07 3.41
CA THR A 3 -4.51 0.71 2.58
C THR A 3 -5.15 -0.20 1.55
N GLN A 4 -6.17 0.26 0.83
CA GLN A 4 -6.93 -0.44 -0.19
C GLN A 4 -6.87 0.26 -1.54
N ILE A 5 -5.99 1.25 -1.69
CA ILE A 5 -5.78 2.03 -2.89
C ILE A 5 -4.60 1.49 -3.69
N GLN A 6 -4.81 1.10 -4.95
CA GLN A 6 -3.85 0.27 -5.66
C GLN A 6 -2.51 0.93 -5.92
N ALA A 7 -1.42 0.23 -5.56
CA ALA A 7 -0.03 0.50 -5.84
C ALA A 7 0.91 -0.63 -5.41
N LEU A 8 2.22 -0.41 -5.29
CA LEU A 8 3.21 -1.36 -4.83
C LEU A 8 3.57 -1.10 -3.37
N ASP A 9 3.08 -1.94 -2.46
CA ASP A 9 3.16 -1.74 -1.03
C ASP A 9 4.58 -1.87 -0.49
N SER A 10 4.98 -1.10 0.51
CA SER A 10 6.33 -1.11 1.06
C SER A 10 6.74 -2.43 1.69
N VAL A 11 5.84 -3.07 2.42
CA VAL A 11 6.10 -4.27 3.19
C VAL A 11 5.80 -5.49 2.35
N SER A 12 4.54 -5.62 1.92
CA SER A 12 3.99 -6.70 1.11
C SER A 12 2.64 -6.19 0.63
N GLY A 13 2.18 -6.71 -0.50
CA GLY A 13 0.84 -6.43 -1.01
C GLY A 13 0.78 -5.41 -2.14
N GLN A 14 -0.44 -5.12 -2.58
CA GLN A 14 -0.90 -4.55 -3.82
C GLN A 14 -1.56 -3.18 -3.68
N PHE A 15 -1.29 -2.48 -2.58
CA PHE A 15 -1.82 -1.15 -2.34
C PHE A 15 -0.71 -0.17 -1.97
N ARG A 16 -0.98 1.12 -2.15
CA ARG A 16 -0.05 2.17 -1.77
C ARG A 16 -0.01 2.25 -0.25
N ASP A 17 1.09 2.79 0.28
CA ASP A 17 1.23 2.97 1.71
C ASP A 17 0.29 4.04 2.24
N GLN A 18 -0.23 3.83 3.46
CA GLN A 18 -1.31 4.58 4.08
C GLN A 18 -0.96 6.03 4.35
N LEU A 19 0.33 6.32 4.48
CA LEU A 19 0.96 7.56 4.88
C LEU A 19 0.50 8.03 6.25
N GLY A 20 0.92 9.20 6.72
CA GLY A 20 0.61 9.77 8.01
C GLY A 20 1.74 10.62 8.59
N GLY A 1 0.95 -1.39 1.39
CA GLY A 1 0.37 -0.72 2.54
C GLY A 1 -0.63 -1.59 3.29
N LEU A 2 -1.30 -0.99 4.27
CA LEU A 2 -2.46 -1.51 4.95
C LEU A 2 -3.67 -0.63 4.64
N THR A 3 -4.11 -0.73 3.39
CA THR A 3 -4.88 0.22 2.60
C THR A 3 -5.71 -0.57 1.58
N GLN A 4 -6.29 0.13 0.60
CA GLN A 4 -7.05 -0.41 -0.52
C GLN A 4 -6.67 0.18 -1.86
N ILE A 5 -5.71 1.11 -1.88
CA ILE A 5 -5.44 1.97 -3.02
C ILE A 5 -4.36 1.43 -3.94
N GLN A 6 -4.70 0.99 -5.15
CA GLN A 6 -3.84 0.20 -6.01
C GLN A 6 -2.48 0.81 -6.32
N ALA A 7 -1.40 0.19 -5.83
CA ALA A 7 -0.01 0.50 -6.07
C ALA A 7 0.87 -0.64 -5.59
N LEU A 8 2.17 -0.41 -5.39
CA LEU A 8 3.02 -1.33 -4.68
C LEU A 8 3.29 -0.85 -3.27
N ASP A 9 3.15 -1.71 -2.26
CA ASP A 9 3.30 -1.47 -0.84
C ASP A 9 4.77 -1.47 -0.42
N SER A 10 5.17 -0.72 0.61
CA SER A 10 6.52 -0.67 1.14
C SER A 10 7.04 -2.01 1.63
N VAL A 11 6.17 -2.90 2.09
CA VAL A 11 6.50 -4.25 2.51
C VAL A 11 5.84 -5.28 1.61
N SER A 12 4.52 -5.40 1.74
CA SER A 12 3.76 -6.46 1.08
C SER A 12 2.33 -6.04 0.85
N GLY A 13 1.61 -6.73 -0.04
CA GLY A 13 0.29 -6.38 -0.54
C GLY A 13 0.30 -5.42 -1.71
N GLN A 14 -0.81 -5.24 -2.41
CA GLN A 14 -0.93 -4.60 -3.70
C GLN A 14 -1.56 -3.22 -3.64
N PHE A 15 -1.33 -2.50 -2.54
CA PHE A 15 -1.76 -1.13 -2.39
C PHE A 15 -0.64 -0.22 -1.93
N ARG A 16 -0.80 1.09 -2.11
CA ARG A 16 0.12 2.10 -1.62
C ARG A 16 -0.06 2.30 -0.11
N ASP A 17 1.01 2.68 0.59
CA ASP A 17 1.01 2.88 2.03
C ASP A 17 0.00 3.89 2.55
N GLN A 18 -0.44 3.76 3.81
CA GLN A 18 -1.28 4.68 4.54
C GLN A 18 -0.68 6.08 4.56
N LEU A 19 0.65 6.15 4.47
CA LEU A 19 1.46 7.35 4.46
C LEU A 19 1.48 8.06 3.11
N GLY A 20 1.24 7.35 2.01
CA GLY A 20 1.51 7.74 0.65
C GLY A 20 2.97 7.54 0.32
N GLY A 1 1.31 -1.58 1.22
CA GLY A 1 0.83 -0.85 2.38
C GLY A 1 -0.57 -1.23 2.84
N LEU A 2 -0.93 -0.81 4.06
CA LEU A 2 -2.16 -1.12 4.76
C LEU A 2 -3.27 -0.15 4.38
N THR A 3 -3.67 -0.22 3.10
CA THR A 3 -4.75 0.48 2.45
C THR A 3 -5.51 -0.44 1.50
N GLN A 4 -6.39 0.13 0.67
CA GLN A 4 -7.18 -0.53 -0.36
C GLN A 4 -7.06 0.15 -1.70
N ILE A 5 -6.05 1.00 -1.89
CA ILE A 5 -5.82 1.83 -3.06
C ILE A 5 -4.54 1.41 -3.75
N GLN A 6 -4.54 1.30 -5.09
CA GLN A 6 -3.50 0.63 -5.85
C GLN A 6 -2.10 1.22 -5.74
N ALA A 7 -1.12 0.37 -5.44
CA ALA A 7 0.31 0.59 -5.56
C ALA A 7 1.07 -0.73 -5.59
N LEU A 8 2.42 -0.67 -5.63
CA LEU A 8 3.25 -1.61 -4.91
C LEU A 8 3.49 -1.08 -3.50
N ASP A 9 3.22 -1.87 -2.47
CA ASP A 9 3.46 -1.50 -1.09
C ASP A 9 4.93 -1.30 -0.74
N SER A 10 5.27 -0.78 0.44
CA SER A 10 6.62 -0.63 0.95
C SER A 10 7.52 -1.85 0.77
N VAL A 11 7.18 -2.97 1.38
CA VAL A 11 7.80 -4.25 1.10
C VAL A 11 7.09 -4.90 -0.08
N SER A 12 5.81 -5.23 0.09
CA SER A 12 5.03 -6.02 -0.86
C SER A 12 3.55 -6.06 -0.53
N GLY A 13 2.73 -6.32 -1.54
CA GLY A 13 1.28 -6.24 -1.52
C GLY A 13 0.79 -5.19 -2.51
N GLN A 14 -0.47 -5.32 -2.92
CA GLN A 14 -1.04 -4.67 -4.09
C GLN A 14 -1.56 -3.26 -3.82
N PHE A 15 -1.41 -2.72 -2.61
CA PHE A 15 -1.97 -1.44 -2.25
C PHE A 15 -0.92 -0.51 -1.65
N ARG A 16 -1.29 0.77 -1.51
CA ARG A 16 -0.46 1.90 -1.16
C ARG A 16 -0.15 2.02 0.32
N ASP A 17 0.97 2.67 0.64
CA ASP A 17 1.35 2.95 2.00
C ASP A 17 0.45 4.04 2.57
N GLN A 18 -0.01 3.82 3.80
CA GLN A 18 -1.13 4.50 4.41
C GLN A 18 -0.92 5.99 4.61
N LEU A 19 0.35 6.37 4.78
CA LEU A 19 0.89 7.70 4.61
C LEU A 19 1.80 7.72 3.40
N GLY A 20 2.89 6.96 3.38
CA GLY A 20 3.96 7.10 2.41
C GLY A 20 4.76 8.36 2.70
N GLY A 1 1.17 -1.65 1.26
CA GLY A 1 0.77 -0.96 2.46
C GLY A 1 -0.62 -1.30 2.97
N LEU A 2 -1.02 -0.54 3.99
CA LEU A 2 -2.23 -0.74 4.77
C LEU A 2 -3.51 -0.26 4.08
N THR A 3 -3.43 0.56 3.03
CA THR A 3 -4.60 1.00 2.29
C THR A 3 -5.19 -0.09 1.40
N GLN A 4 -6.24 0.23 0.64
CA GLN A 4 -6.87 -0.65 -0.33
C GLN A 4 -6.95 -0.05 -1.71
N ILE A 5 -6.09 0.94 -2.02
CA ILE A 5 -5.95 1.60 -3.31
C ILE A 5 -4.66 1.12 -3.96
N GLN A 6 -4.71 0.80 -5.27
CA GLN A 6 -3.66 0.00 -5.86
C GLN A 6 -2.32 0.69 -6.10
N ALA A 7 -1.25 0.18 -5.49
CA ALA A 7 0.12 0.64 -5.62
C ALA A 7 1.11 -0.44 -5.20
N LEU A 8 2.40 -0.19 -5.43
CA LEU A 8 3.54 -0.85 -4.83
C LEU A 8 3.61 -0.57 -3.33
N ASP A 9 3.28 -1.56 -2.50
CA ASP A 9 3.45 -1.46 -1.06
C ASP A 9 4.91 -1.48 -0.65
N SER A 10 5.32 -0.75 0.39
CA SER A 10 6.63 -0.84 1.02
C SER A 10 7.05 -2.22 1.49
N VAL A 11 6.08 -3.10 1.76
CA VAL A 11 6.28 -4.36 2.46
C VAL A 11 5.58 -5.49 1.72
N SER A 12 4.25 -5.44 1.62
CA SER A 12 3.43 -6.55 1.16
C SER A 12 2.07 -6.18 0.60
N GLY A 13 1.48 -7.05 -0.21
CA GLY A 13 0.24 -6.82 -0.92
C GLY A 13 0.35 -5.80 -2.05
N GLN A 14 -0.78 -5.49 -2.69
CA GLN A 14 -0.89 -4.74 -3.93
C GLN A 14 -1.54 -3.37 -3.80
N PHE A 15 -1.58 -2.82 -2.59
CA PHE A 15 -2.14 -1.53 -2.27
C PHE A 15 -1.16 -0.59 -1.57
N ARG A 16 -1.47 0.71 -1.54
CA ARG A 16 -0.58 1.77 -1.11
C ARG A 16 -0.36 1.81 0.39
N ASP A 17 0.77 2.42 0.77
CA ASP A 17 1.09 2.83 2.11
C ASP A 17 0.28 4.04 2.54
N GLN A 18 -0.25 3.98 3.77
CA GLN A 18 -1.22 4.88 4.36
C GLN A 18 -0.70 6.31 4.52
N LEU A 19 0.59 6.49 4.79
CA LEU A 19 1.26 7.73 5.09
C LEU A 19 0.56 8.47 6.21
N GLY A 20 0.36 7.79 7.35
CA GLY A 20 -0.41 8.23 8.50
C GLY A 20 0.51 8.74 9.60
N GLY A 1 0.95 -1.44 1.22
CA GLY A 1 0.40 -0.81 2.39
C GLY A 1 -0.65 -1.57 3.19
N LEU A 2 -0.98 -1.02 4.37
CA LEU A 2 -2.14 -1.37 5.15
C LEU A 2 -3.45 -0.99 4.48
N THR A 3 -3.46 0.25 3.97
CA THR A 3 -4.36 0.76 2.97
C THR A 3 -4.53 -0.13 1.75
N GLN A 4 -5.64 0.07 1.03
CA GLN A 4 -6.07 -0.85 -0.01
C GLN A 4 -6.37 -0.21 -1.35
N ILE A 5 -5.92 1.02 -1.58
CA ILE A 5 -5.87 1.67 -2.88
C ILE A 5 -4.67 1.15 -3.66
N GLN A 6 -4.77 0.93 -4.97
CA GLN A 6 -3.74 0.29 -5.78
C GLN A 6 -2.44 1.07 -5.87
N ALA A 7 -1.29 0.41 -5.68
CA ALA A 7 0.08 0.79 -5.95
C ALA A 7 0.97 -0.41 -5.68
N LEU A 8 2.30 -0.24 -5.58
CA LEU A 8 3.13 -1.17 -4.84
C LEU A 8 3.30 -0.76 -3.39
N ASP A 9 3.20 -1.72 -2.45
CA ASP A 9 3.35 -1.49 -1.03
C ASP A 9 4.78 -1.63 -0.54
N SER A 10 5.10 -0.91 0.54
CA SER A 10 6.37 -1.01 1.23
C SER A 10 6.65 -2.44 1.67
N VAL A 11 5.77 -3.07 2.44
CA VAL A 11 6.02 -4.35 3.06
C VAL A 11 5.50 -5.46 2.17
N SER A 12 4.19 -5.47 1.88
CA SER A 12 3.48 -6.54 1.20
C SER A 12 2.17 -6.11 0.56
N GLY A 13 1.66 -6.93 -0.37
CA GLY A 13 0.45 -6.63 -1.11
C GLY A 13 0.62 -5.62 -2.24
N GLN A 14 -0.50 -5.34 -2.91
CA GLN A 14 -0.60 -4.63 -4.18
C GLN A 14 -1.27 -3.28 -4.00
N PHE A 15 -1.05 -2.64 -2.84
CA PHE A 15 -1.67 -1.38 -2.46
C PHE A 15 -0.69 -0.34 -1.96
N ARG A 16 -1.05 0.95 -2.06
CA ARG A 16 -0.25 2.04 -1.56
C ARG A 16 -0.25 2.05 -0.04
N ASP A 17 0.81 2.62 0.52
CA ASP A 17 1.02 2.81 1.95
C ASP A 17 0.20 3.98 2.47
N GLN A 18 -0.23 3.85 3.73
CA GLN A 18 -1.21 4.71 4.37
C GLN A 18 -0.82 6.17 4.49
N LEU A 19 0.48 6.45 4.38
CA LEU A 19 1.09 7.77 4.29
C LEU A 19 0.57 8.54 3.09
N GLY A 20 0.78 9.86 3.10
CA GLY A 20 0.59 10.75 1.97
C GLY A 20 -0.82 10.85 1.42
N GLY A 1 1.10 -1.83 1.19
CA GLY A 1 0.73 -1.13 2.42
C GLY A 1 -0.64 -1.46 2.99
N LEU A 2 -1.04 -0.67 3.99
CA LEU A 2 -2.22 -0.93 4.79
C LEU A 2 -3.51 -0.65 4.03
N THR A 3 -3.51 0.33 3.13
CA THR A 3 -4.69 0.81 2.44
C THR A 3 -5.12 -0.11 1.31
N GLN A 4 -6.03 0.32 0.43
CA GLN A 4 -6.74 -0.53 -0.49
C GLN A 4 -6.75 0.00 -1.92
N ILE A 5 -5.97 1.03 -2.23
CA ILE A 5 -5.82 1.67 -3.52
C ILE A 5 -4.57 1.20 -4.23
N GLN A 6 -4.63 1.04 -5.56
CA GLN A 6 -3.62 0.39 -6.38
C GLN A 6 -2.32 1.17 -6.43
N ALA A 7 -1.33 0.72 -5.65
CA ALA A 7 0.06 1.11 -5.70
C ALA A 7 0.94 0.00 -5.15
N LEU A 8 2.25 0.15 -5.29
CA LEU A 8 3.28 -0.76 -4.82
C LEU A 8 3.45 -0.59 -3.31
N ASP A 9 3.09 -1.62 -2.54
CA ASP A 9 3.20 -1.58 -1.09
C ASP A 9 4.64 -1.56 -0.62
N SER A 10 4.95 -0.79 0.42
CA SER A 10 6.25 -0.74 1.06
C SER A 10 6.88 -2.10 1.37
N VAL A 11 6.11 -3.05 1.88
CA VAL A 11 6.56 -4.34 2.37
C VAL A 11 5.86 -5.46 1.59
N SER A 12 4.55 -5.61 1.81
CA SER A 12 3.75 -6.65 1.19
C SER A 12 2.29 -6.26 1.16
N GLY A 13 1.50 -7.04 0.43
CA GLY A 13 0.25 -6.64 -0.18
C GLY A 13 0.43 -6.01 -1.55
N GLN A 14 -0.67 -5.54 -2.14
CA GLN A 14 -0.79 -5.02 -3.49
C GLN A 14 -1.35 -3.61 -3.60
N PHE A 15 -1.43 -2.86 -2.49
CA PHE A 15 -2.05 -1.56 -2.41
C PHE A 15 -1.13 -0.58 -1.70
N ARG A 16 -1.50 0.71 -1.72
CA ARG A 16 -0.69 1.82 -1.24
C ARG A 16 -0.50 1.86 0.27
N ASP A 17 0.54 2.56 0.72
CA ASP A 17 0.85 2.84 2.12
C ASP A 17 -0.12 3.86 2.70
N GLN A 18 -0.38 3.81 4.02
CA GLN A 18 -1.16 4.77 4.76
C GLN A 18 -0.51 6.13 4.98
N LEU A 19 0.76 6.25 4.62
CA LEU A 19 1.59 7.43 4.66
C LEU A 19 1.46 8.29 5.92
N GLY A 20 2.42 8.10 6.84
CA GLY A 20 2.49 8.78 8.12
C GLY A 20 3.58 8.19 9.00
N GLY A 1 1.08 -1.85 1.37
CA GLY A 1 0.68 -1.16 2.59
C GLY A 1 -0.79 -1.32 2.90
N LEU A 2 -1.29 -0.64 3.93
CA LEU A 2 -2.56 -0.91 4.58
C LEU A 2 -3.73 -0.10 4.03
N THR A 3 -3.57 0.61 2.91
CA THR A 3 -4.70 1.15 2.20
C THR A 3 -5.51 0.07 1.49
N GLN A 4 -6.55 0.50 0.78
CA GLN A 4 -7.33 -0.27 -0.18
C GLN A 4 -7.15 0.19 -1.61
N ILE A 5 -6.16 1.04 -1.94
CA ILE A 5 -6.00 1.70 -3.21
C ILE A 5 -4.68 1.32 -3.87
N GLN A 6 -4.61 1.21 -5.20
CA GLN A 6 -3.59 0.44 -5.89
C GLN A 6 -2.25 1.10 -6.12
N ALA A 7 -1.21 0.68 -5.39
CA ALA A 7 0.21 0.92 -5.63
C ALA A 7 1.00 -0.25 -5.06
N LEU A 8 2.28 -0.37 -5.44
CA LEU A 8 3.17 -1.35 -4.85
C LEU A 8 3.47 -0.93 -3.41
N ASP A 9 3.15 -1.82 -2.45
CA ASP A 9 3.33 -1.59 -1.03
C ASP A 9 4.80 -1.60 -0.63
N SER A 10 5.25 -0.75 0.30
CA SER A 10 6.62 -0.81 0.78
C SER A 10 7.03 -2.06 1.54
N VAL A 11 6.06 -2.76 2.13
CA VAL A 11 6.26 -3.95 2.94
C VAL A 11 5.79 -5.20 2.21
N SER A 12 4.49 -5.37 1.98
CA SER A 12 3.89 -6.50 1.31
C SER A 12 2.49 -6.11 0.84
N GLY A 13 2.06 -6.70 -0.29
CA GLY A 13 0.76 -6.49 -0.90
C GLY A 13 0.76 -5.54 -2.09
N GLN A 14 -0.44 -5.28 -2.62
CA GLN A 14 -0.74 -4.61 -3.86
C GLN A 14 -1.63 -3.39 -3.66
N PHE A 15 -1.85 -2.95 -2.41
CA PHE A 15 -2.35 -1.62 -2.15
C PHE A 15 -1.28 -0.77 -1.48
N ARG A 16 -1.45 0.56 -1.58
CA ARG A 16 -0.52 1.60 -1.22
C ARG A 16 -0.14 1.62 0.25
N ASP A 17 0.99 2.26 0.56
CA ASP A 17 1.34 2.72 1.87
C ASP A 17 0.35 3.74 2.43
N GLN A 18 -0.12 3.51 3.65
CA GLN A 18 -1.05 4.32 4.41
C GLN A 18 -0.62 5.74 4.76
N LEU A 19 0.66 6.05 4.57
CA LEU A 19 1.27 7.35 4.72
C LEU A 19 0.51 8.45 3.99
N GLY A 20 0.03 9.42 4.74
CA GLY A 20 -0.77 10.54 4.26
C GLY A 20 0.05 11.54 3.46
N GLY A 1 1.27 -1.46 1.29
CA GLY A 1 0.86 -0.82 2.52
C GLY A 1 -0.58 -1.06 2.94
N LEU A 2 -0.97 -0.47 4.06
CA LEU A 2 -2.23 -0.77 4.74
C LEU A 2 -3.34 0.13 4.22
N THR A 3 -3.57 0.09 2.91
CA THR A 3 -4.67 0.71 2.20
C THR A 3 -5.42 -0.32 1.36
N GLN A 4 -6.42 0.13 0.61
CA GLN A 4 -7.16 -0.63 -0.38
C GLN A 4 -7.11 -0.02 -1.77
N ILE A 5 -6.20 0.92 -2.01
CA ILE A 5 -6.00 1.67 -3.23
C ILE A 5 -4.71 1.25 -3.90
N GLN A 6 -4.78 1.07 -5.22
CA GLN A 6 -3.83 0.28 -5.99
C GLN A 6 -2.52 1.00 -6.23
N ALA A 7 -1.50 0.72 -5.42
CA ALA A 7 -0.11 1.06 -5.64
C ALA A 7 0.82 0.02 -5.03
N LEU A 8 2.13 0.04 -5.28
CA LEU A 8 3.08 -0.93 -4.77
C LEU A 8 3.46 -0.60 -3.33
N ASP A 9 3.28 -1.58 -2.44
CA ASP A 9 3.45 -1.45 -1.01
C ASP A 9 4.91 -1.45 -0.55
N SER A 10 5.22 -0.87 0.61
CA SER A 10 6.51 -1.03 1.25
C SER A 10 6.86 -2.45 1.63
N VAL A 11 5.99 -3.10 2.41
CA VAL A 11 6.20 -4.42 2.96
C VAL A 11 5.69 -5.52 2.03
N SER A 12 4.37 -5.54 1.83
CA SER A 12 3.67 -6.66 1.23
C SER A 12 2.30 -6.27 0.68
N GLY A 13 1.80 -7.12 -0.21
CA GLY A 13 0.64 -6.79 -1.02
C GLY A 13 0.95 -5.75 -2.09
N GLN A 14 -0.08 -5.30 -2.80
CA GLN A 14 -0.06 -4.30 -3.86
C GLN A 14 -1.19 -3.29 -3.70
N PHE A 15 -1.37 -2.83 -2.46
CA PHE A 15 -2.04 -1.58 -2.18
C PHE A 15 -1.03 -0.58 -1.64
N ARG A 16 -1.34 0.72 -1.77
CA ARG A 16 -0.52 1.84 -1.40
C ARG A 16 -0.20 1.88 0.09
N ASP A 17 0.89 2.57 0.45
CA ASP A 17 1.28 2.98 1.78
C ASP A 17 0.30 4.02 2.31
N GLN A 18 -0.01 3.92 3.61
CA GLN A 18 -0.96 4.80 4.27
C GLN A 18 -0.57 6.28 4.22
N LEU A 19 0.71 6.63 4.34
CA LEU A 19 1.15 8.00 4.19
C LEU A 19 0.86 8.58 2.81
N GLY A 20 -0.14 9.46 2.71
CA GLY A 20 -0.58 10.13 1.52
C GLY A 20 -0.80 11.62 1.73
N GLY A 1 1.19 -1.73 1.14
CA GLY A 1 0.74 -1.02 2.32
C GLY A 1 -0.70 -1.30 2.72
N LEU A 2 -1.17 -0.61 3.75
CA LEU A 2 -2.38 -0.95 4.48
C LEU A 2 -3.56 -0.04 4.17
N THR A 3 -3.57 0.60 3.00
CA THR A 3 -4.70 1.15 2.31
C THR A 3 -5.50 0.11 1.52
N GLN A 4 -6.36 0.53 0.59
CA GLN A 4 -7.04 -0.32 -0.36
C GLN A 4 -6.88 0.10 -1.82
N ILE A 5 -6.12 1.14 -2.13
CA ILE A 5 -5.86 1.63 -3.47
C ILE A 5 -4.68 0.92 -4.11
N GLN A 6 -4.82 0.34 -5.30
CA GLN A 6 -3.80 -0.44 -5.98
C GLN A 6 -2.56 0.38 -6.32
N ALA A 7 -1.47 0.21 -5.58
CA ALA A 7 -0.14 0.78 -5.71
C ALA A 7 0.92 -0.14 -5.12
N LEU A 8 2.19 0.05 -5.45
CA LEU A 8 3.29 -0.71 -4.88
C LEU A 8 3.46 -0.43 -3.39
N ASP A 9 3.21 -1.45 -2.57
CA ASP A 9 3.37 -1.34 -1.13
C ASP A 9 4.84 -1.23 -0.75
N SER A 10 5.17 -0.67 0.40
CA SER A 10 6.51 -0.68 0.96
C SER A 10 6.94 -2.05 1.47
N VAL A 11 5.97 -2.87 1.91
CA VAL A 11 6.15 -4.10 2.65
C VAL A 11 5.56 -5.28 1.89
N SER A 12 4.23 -5.38 1.83
CA SER A 12 3.50 -6.58 1.45
C SER A 12 2.14 -6.25 0.87
N GLY A 13 1.67 -7.10 -0.05
CA GLY A 13 0.49 -6.86 -0.85
C GLY A 13 0.68 -5.80 -1.93
N GLN A 14 -0.45 -5.39 -2.51
CA GLN A 14 -0.58 -4.64 -3.74
C GLN A 14 -1.30 -3.31 -3.61
N PHE A 15 -1.44 -2.77 -2.39
CA PHE A 15 -1.99 -1.45 -2.16
C PHE A 15 -0.95 -0.44 -1.70
N ARG A 16 -1.31 0.84 -1.69
CA ARG A 16 -0.52 1.94 -1.18
C ARG A 16 -0.28 1.83 0.33
N ASP A 17 0.76 2.51 0.81
CA ASP A 17 1.00 2.72 2.23
C ASP A 17 0.11 3.84 2.76
N GLN A 18 -0.37 3.72 4.00
CA GLN A 18 -1.17 4.72 4.69
C GLN A 18 -0.46 6.06 4.84
N LEU A 19 0.86 6.04 4.83
CA LEU A 19 1.81 7.14 4.86
C LEU A 19 1.72 7.91 3.55
N GLY A 20 0.71 8.77 3.41
CA GLY A 20 0.57 9.76 2.36
C GLY A 20 0.47 9.22 0.95
N GLY A 1 1.08 -1.36 1.10
CA GLY A 1 0.60 -0.72 2.31
C GLY A 1 -0.59 -1.40 2.98
N LEU A 2 -1.11 -0.81 4.05
CA LEU A 2 -2.31 -1.21 4.75
C LEU A 2 -3.61 -0.74 4.10
N THR A 3 -3.52 0.19 3.16
CA THR A 3 -4.63 0.74 2.39
C THR A 3 -5.24 -0.27 1.42
N GLN A 4 -6.18 0.20 0.59
CA GLN A 4 -6.88 -0.54 -0.43
C GLN A 4 -6.90 0.14 -1.79
N ILE A 5 -6.08 1.18 -2.01
CA ILE A 5 -5.85 1.81 -3.29
C ILE A 5 -4.66 1.18 -4.00
N GLN A 6 -4.87 0.58 -5.18
CA GLN A 6 -3.87 -0.17 -5.92
C GLN A 6 -2.60 0.61 -6.22
N ALA A 7 -1.49 0.26 -5.56
CA ALA A 7 -0.16 0.76 -5.85
C ALA A 7 0.86 -0.27 -5.39
N LEU A 8 2.15 0.04 -5.46
CA LEU A 8 3.27 -0.67 -4.87
C LEU A 8 3.38 -0.47 -3.37
N ASP A 9 3.30 -1.51 -2.54
CA ASP A 9 3.42 -1.40 -1.11
C ASP A 9 4.86 -1.46 -0.61
N SER A 10 5.20 -0.80 0.50
CA SER A 10 6.52 -0.88 1.09
C SER A 10 6.85 -2.27 1.61
N VAL A 11 5.88 -2.96 2.22
CA VAL A 11 6.03 -4.21 2.93
C VAL A 11 5.17 -5.31 2.32
N SER A 12 3.85 -5.22 2.42
CA SER A 12 2.93 -6.31 2.20
C SER A 12 1.67 -5.85 1.49
N GLY A 13 1.10 -6.74 0.67
CA GLY A 13 -0.07 -6.49 -0.12
C GLY A 13 0.16 -5.62 -1.35
N GLN A 14 -0.88 -5.37 -2.15
CA GLN A 14 -0.78 -4.76 -3.45
C GLN A 14 -1.42 -3.39 -3.55
N PHE A 15 -1.29 -2.62 -2.48
CA PHE A 15 -1.86 -1.29 -2.31
C PHE A 15 -0.82 -0.26 -1.90
N ARG A 16 -1.19 1.02 -1.97
CA ARG A 16 -0.36 2.12 -1.54
C ARG A 16 -0.11 2.15 -0.04
N ASP A 17 1.06 2.66 0.37
CA ASP A 17 1.33 2.85 1.78
C ASP A 17 0.30 3.75 2.44
N GLN A 18 0.03 3.45 3.72
CA GLN A 18 -0.84 4.23 4.56
C GLN A 18 -0.16 5.38 5.29
N LEU A 19 1.18 5.42 5.20
CA LEU A 19 2.02 6.60 5.31
C LEU A 19 1.56 7.69 4.35
N GLY A 20 1.67 8.98 4.69
CA GLY A 20 1.17 10.12 3.94
C GLY A 20 2.01 11.37 4.11
N GLY A 1 1.12 -1.29 1.06
CA GLY A 1 0.65 -0.64 2.27
C GLY A 1 -0.54 -1.33 2.92
N LEU A 2 -0.88 -0.84 4.11
CA LEU A 2 -2.07 -1.18 4.87
C LEU A 2 -3.27 -0.34 4.41
N THR A 3 -3.54 -0.38 3.12
CA THR A 3 -4.65 0.25 2.44
C THR A 3 -5.33 -0.67 1.44
N GLN A 4 -6.31 -0.19 0.69
CA GLN A 4 -6.89 -0.82 -0.48
C GLN A 4 -6.98 0.12 -1.67
N ILE A 5 -5.94 0.89 -1.97
CA ILE A 5 -5.82 1.76 -3.12
C ILE A 5 -4.63 1.31 -3.95
N GLN A 6 -4.88 0.87 -5.19
CA GLN A 6 -3.93 0.23 -6.06
C GLN A 6 -2.64 1.00 -6.28
N ALA A 7 -1.52 0.48 -5.77
CA ALA A 7 -0.14 0.88 -5.99
C ALA A 7 0.80 -0.25 -5.56
N LEU A 8 2.11 -0.03 -5.54
CA LEU A 8 3.11 -0.90 -4.96
C LEU A 8 3.41 -0.45 -3.54
N ASP A 9 3.30 -1.34 -2.55
CA ASP A 9 3.51 -1.16 -1.14
C ASP A 9 4.99 -1.21 -0.76
N SER A 10 5.36 -0.55 0.36
CA SER A 10 6.64 -0.68 1.01
C SER A 10 6.91 -2.03 1.66
N VAL A 11 5.85 -2.75 2.02
CA VAL A 11 5.90 -3.94 2.83
C VAL A 11 5.18 -5.14 2.21
N SER A 12 3.86 -5.09 2.02
CA SER A 12 2.97 -6.22 1.81
C SER A 12 1.72 -5.88 1.01
N GLY A 13 1.09 -6.92 0.45
CA GLY A 13 -0.05 -6.76 -0.43
C GLY A 13 0.32 -6.00 -1.71
N GLN A 14 -0.67 -5.49 -2.44
CA GLN A 14 -0.50 -4.76 -3.68
C GLN A 14 -1.30 -3.46 -3.68
N PHE A 15 -1.15 -2.66 -2.63
CA PHE A 15 -1.73 -1.34 -2.47
C PHE A 15 -0.74 -0.30 -1.97
N ARG A 16 -1.06 0.99 -2.04
CA ARG A 16 -0.18 2.06 -1.62
C ARG A 16 -0.04 2.13 -0.10
N ASP A 17 1.05 2.73 0.39
CA ASP A 17 1.29 2.95 1.79
C ASP A 17 0.27 3.86 2.45
N GLN A 18 -0.19 3.51 3.66
CA GLN A 18 -1.10 4.30 4.46
C GLN A 18 -0.50 5.66 4.85
N LEU A 19 0.83 5.72 4.91
CA LEU A 19 1.66 6.91 4.95
C LEU A 19 2.52 6.95 3.70
N GLY A 20 2.04 7.61 2.64
CA GLY A 20 2.53 7.58 1.28
C GLY A 20 2.14 8.77 0.41
N GLY A 1 1.02 -1.52 1.13
CA GLY A 1 0.60 -0.97 2.40
C GLY A 1 -0.75 -1.47 2.92
N LEU A 2 -1.20 -0.86 4.02
CA LEU A 2 -2.45 -1.13 4.72
C LEU A 2 -3.63 -0.38 4.12
N THR A 3 -3.42 0.70 3.37
CA THR A 3 -4.42 1.31 2.51
C THR A 3 -4.99 0.31 1.51
N GLN A 4 -6.18 0.59 0.97
CA GLN A 4 -6.93 -0.38 0.21
C GLN A 4 -6.93 -0.17 -1.30
N ILE A 5 -5.99 0.63 -1.80
CA ILE A 5 -6.01 1.27 -3.11
C ILE A 5 -4.71 1.00 -3.86
N GLN A 6 -4.77 0.65 -5.15
CA GLN A 6 -3.69 0.13 -5.96
C GLN A 6 -2.43 0.96 -6.01
N ALA A 7 -1.26 0.38 -5.68
CA ALA A 7 0.10 0.79 -5.92
C ALA A 7 1.05 -0.28 -5.41
N LEU A 8 2.36 -0.06 -5.53
CA LEU A 8 3.34 -0.95 -4.92
C LEU A 8 3.56 -0.57 -3.46
N ASP A 9 3.20 -1.49 -2.57
CA ASP A 9 3.34 -1.35 -1.13
C ASP A 9 4.79 -1.40 -0.67
N SER A 10 5.15 -0.71 0.42
CA SER A 10 6.45 -0.78 1.06
C SER A 10 6.83 -2.17 1.59
N VAL A 11 5.82 -2.95 2.00
CA VAL A 11 6.06 -4.17 2.74
C VAL A 11 5.44 -5.37 2.04
N SER A 12 4.11 -5.40 1.92
CA SER A 12 3.31 -6.56 1.59
C SER A 12 2.10 -6.17 0.75
N GLY A 13 1.66 -7.05 -0.15
CA GLY A 13 0.49 -6.81 -0.96
C GLY A 13 0.61 -5.69 -1.99
N GLN A 14 -0.52 -5.34 -2.61
CA GLN A 14 -0.63 -4.67 -3.90
C GLN A 14 -1.33 -3.32 -3.78
N PHE A 15 -1.33 -2.70 -2.60
CA PHE A 15 -1.91 -1.39 -2.37
C PHE A 15 -0.83 -0.41 -1.91
N ARG A 16 -1.10 0.89 -2.03
CA ARG A 16 -0.23 1.97 -1.62
C ARG A 16 -0.05 2.00 -0.11
N ASP A 17 0.97 2.74 0.34
CA ASP A 17 1.21 2.94 1.76
C ASP A 17 0.25 3.93 2.38
N GLN A 18 -0.15 3.66 3.62
CA GLN A 18 -1.18 4.40 4.31
C GLN A 18 -0.73 5.83 4.63
N LEU A 19 0.57 6.05 4.76
CA LEU A 19 1.24 7.31 5.06
C LEU A 19 1.43 8.11 3.78
N GLY A 20 0.34 8.72 3.33
CA GLY A 20 0.26 9.57 2.15
C GLY A 20 -1.16 9.86 1.71
N GLY A 1 1.30 -1.71 1.26
CA GLY A 1 0.89 -0.99 2.45
C GLY A 1 -0.58 -1.19 2.81
N LEU A 2 -0.99 -0.68 3.97
CA LEU A 2 -2.22 -1.03 4.65
C LEU A 2 -3.35 -0.12 4.21
N THR A 3 -3.65 -0.13 2.91
CA THR A 3 -4.72 0.58 2.24
C THR A 3 -5.45 -0.34 1.28
N GLN A 4 -6.43 0.18 0.52
CA GLN A 4 -7.10 -0.46 -0.59
C GLN A 4 -6.87 0.22 -1.93
N ILE A 5 -5.96 1.20 -2.03
CA ILE A 5 -5.69 1.92 -3.25
C ILE A 5 -4.45 1.35 -3.93
N GLN A 6 -4.63 0.82 -5.14
CA GLN A 6 -3.62 0.13 -5.92
C GLN A 6 -2.35 0.94 -6.15
N ALA A 7 -1.23 0.47 -5.58
CA ALA A 7 0.13 0.94 -5.72
C ALA A 7 1.03 -0.15 -5.15
N LEU A 8 2.34 -0.11 -5.44
CA LEU A 8 3.30 -1.03 -4.86
C LEU A 8 3.60 -0.65 -3.43
N ASP A 9 3.26 -1.54 -2.51
CA ASP A 9 3.51 -1.41 -1.08
C ASP A 9 4.98 -1.44 -0.73
N SER A 10 5.40 -0.71 0.30
CA SER A 10 6.74 -0.76 0.86
C SER A 10 7.17 -2.14 1.33
N VAL A 11 6.21 -2.99 1.69
CA VAL A 11 6.45 -4.28 2.30
C VAL A 11 5.72 -5.43 1.62
N SER A 12 4.38 -5.37 1.65
CA SER A 12 3.50 -6.47 1.29
C SER A 12 2.09 -6.00 1.00
N GLY A 13 1.37 -6.81 0.22
CA GLY A 13 0.04 -6.53 -0.28
C GLY A 13 0.06 -5.67 -1.54
N GLN A 14 -1.10 -5.52 -2.18
CA GLN A 14 -1.30 -4.92 -3.48
C GLN A 14 -1.63 -3.44 -3.49
N PHE A 15 -1.39 -2.72 -2.38
CA PHE A 15 -1.90 -1.38 -2.22
C PHE A 15 -0.89 -0.43 -1.59
N ARG A 16 -1.17 0.88 -1.62
CA ARG A 16 -0.26 1.93 -1.18
C ARG A 16 -0.01 1.88 0.31
N ASP A 17 1.10 2.51 0.72
CA ASP A 17 1.36 2.87 2.10
C ASP A 17 0.35 3.86 2.65
N GLN A 18 -0.14 3.58 3.86
CA GLN A 18 -1.23 4.30 4.49
C GLN A 18 -0.97 5.80 4.66
N LEU A 19 0.31 6.18 4.72
CA LEU A 19 0.81 7.54 4.72
C LEU A 19 2.05 7.69 3.86
N GLY A 20 2.51 8.93 3.70
CA GLY A 20 3.65 9.31 2.88
C GLY A 20 4.16 10.69 3.25
N GLY A 1 1.08 -1.76 1.21
CA GLY A 1 0.61 -1.10 2.41
C GLY A 1 -0.84 -1.34 2.80
N LEU A 2 -1.28 -0.81 3.94
CA LEU A 2 -2.55 -1.15 4.56
C LEU A 2 -3.74 -0.31 4.12
N THR A 3 -3.52 0.63 3.19
CA THR A 3 -4.58 1.19 2.38
C THR A 3 -5.06 0.19 1.34
N GLN A 4 -5.95 0.61 0.44
CA GLN A 4 -6.82 -0.21 -0.38
C GLN A 4 -6.78 0.19 -1.84
N ILE A 5 -5.98 1.21 -2.20
CA ILE A 5 -5.82 1.71 -3.56
C ILE A 5 -4.56 1.14 -4.20
N GLN A 6 -4.69 0.63 -5.42
CA GLN A 6 -3.74 -0.29 -6.03
C GLN A 6 -2.43 0.38 -6.44
N ALA A 7 -1.38 0.13 -5.66
CA ALA A 7 -0.04 0.65 -5.80
C ALA A 7 1.01 -0.33 -5.30
N LEU A 8 2.31 -0.06 -5.46
CA LEU A 8 3.33 -0.84 -4.80
C LEU A 8 3.40 -0.51 -3.32
N ASP A 9 3.17 -1.52 -2.46
CA ASP A 9 3.32 -1.42 -1.02
C ASP A 9 4.76 -1.35 -0.54
N SER A 10 5.06 -0.67 0.56
CA SER A 10 6.40 -0.57 1.11
C SER A 10 7.00 -1.93 1.46
N VAL A 11 6.17 -2.90 1.86
CA VAL A 11 6.58 -4.19 2.37
C VAL A 11 5.88 -5.32 1.62
N SER A 12 4.54 -5.30 1.58
CA SER A 12 3.74 -6.45 1.24
C SER A 12 2.29 -6.13 0.90
N GLY A 13 1.64 -6.95 0.07
CA GLY A 13 0.33 -6.69 -0.49
C GLY A 13 0.38 -5.75 -1.69
N GLN A 14 -0.76 -5.47 -2.32
CA GLN A 14 -0.91 -4.82 -3.60
C GLN A 14 -1.53 -3.42 -3.58
N PHE A 15 -1.56 -2.78 -2.41
CA PHE A 15 -2.10 -1.44 -2.25
C PHE A 15 -1.08 -0.46 -1.68
N ARG A 16 -1.43 0.83 -1.76
CA ARG A 16 -0.60 1.94 -1.35
C ARG A 16 -0.37 1.92 0.15
N ASP A 17 0.76 2.50 0.58
CA ASP A 17 1.02 2.76 1.98
C ASP A 17 0.12 3.86 2.51
N GLN A 18 -0.28 3.73 3.77
CA GLN A 18 -1.13 4.67 4.48
C GLN A 18 -0.47 6.03 4.57
N LEU A 19 0.79 6.06 5.01
CA LEU A 19 1.61 7.23 5.28
C LEU A 19 1.95 7.99 4.01
N GLY A 20 1.78 9.32 4.04
CA GLY A 20 2.14 10.28 3.01
C GLY A 20 2.20 11.68 3.60
N GLY A 1 1.14 -1.66 1.16
CA GLY A 1 0.76 -1.10 2.43
C GLY A 1 -0.61 -1.51 2.97
N LEU A 2 -1.04 -0.87 4.07
CA LEU A 2 -2.28 -1.13 4.76
C LEU A 2 -3.50 -0.38 4.24
N THR A 3 -3.41 0.28 3.06
CA THR A 3 -4.51 0.87 2.33
C THR A 3 -5.22 -0.13 1.42
N GLN A 4 -6.18 0.34 0.61
CA GLN A 4 -6.85 -0.43 -0.42
C GLN A 4 -6.77 0.14 -1.83
N ILE A 5 -5.96 1.17 -2.06
CA ILE A 5 -5.76 1.76 -3.36
C ILE A 5 -4.56 1.11 -4.03
N GLN A 6 -4.73 0.58 -5.24
CA GLN A 6 -3.78 -0.19 -6.01
C GLN A 6 -2.54 0.64 -6.31
N ALA A 7 -1.42 0.33 -5.64
CA ALA A 7 -0.11 0.95 -5.74
C ALA A 7 1.00 -0.03 -5.36
N LEU A 8 2.27 0.39 -5.38
CA LEU A 8 3.41 -0.36 -4.92
C LEU A 8 3.61 -0.17 -3.42
N ASP A 9 3.23 -1.17 -2.62
CA ASP A 9 3.42 -1.20 -1.19
C ASP A 9 4.90 -1.20 -0.81
N SER A 10 5.31 -0.65 0.33
CA SER A 10 6.62 -0.75 0.94
C SER A 10 6.97 -2.13 1.46
N VAL A 11 5.98 -2.90 1.92
CA VAL A 11 6.13 -4.11 2.71
C VAL A 11 5.49 -5.29 1.98
N SER A 12 4.16 -5.28 1.87
CA SER A 12 3.36 -6.40 1.44
C SER A 12 2.01 -5.97 0.87
N GLY A 13 1.48 -6.85 0.03
CA GLY A 13 0.25 -6.70 -0.70
C GLY A 13 0.38 -5.82 -1.94
N GLN A 14 -0.75 -5.51 -2.59
CA GLN A 14 -0.86 -4.77 -3.82
C GLN A 14 -1.35 -3.34 -3.70
N PHE A 15 -1.36 -2.75 -2.50
CA PHE A 15 -1.94 -1.45 -2.23
C PHE A 15 -0.92 -0.45 -1.71
N ARG A 16 -1.33 0.83 -1.62
CA ARG A 16 -0.48 1.91 -1.16
C ARG A 16 -0.14 1.86 0.33
N ASP A 17 0.97 2.53 0.67
CA ASP A 17 1.36 2.78 2.05
C ASP A 17 0.40 3.69 2.81
N GLN A 18 0.05 3.31 4.04
CA GLN A 18 -0.81 4.01 4.96
C GLN A 18 -0.11 5.26 5.50
N LEU A 19 1.18 5.46 5.20
CA LEU A 19 2.07 6.50 5.66
C LEU A 19 1.61 7.89 5.25
N GLY A 20 0.82 7.98 4.18
CA GLY A 20 0.15 9.18 3.71
C GLY A 20 -0.96 8.88 2.72
#